data_7N4L
#
_entry.id   7N4L
#
_cell.length_a   188.870
_cell.length_b   188.870
_cell.length_c   65.170
_cell.angle_alpha   90.000
_cell.angle_beta   90.000
_cell.angle_gamma   120.000
#
_symmetry.space_group_name_H-M   'P 61'
#
loop_
_entity.id
_entity.type
_entity.pdbx_description
1 polymer 'Spike protein S1'
2 polymer 'WRAIR-2125 antibody Fab heavy chain'
3 polymer 'WRAIR-2125 antibody Fab light chain'
#
loop_
_entity_poly.entity_id
_entity_poly.type
_entity_poly.pdbx_seq_one_letter_code
_entity_poly.pdbx_strand_id
1 'polypeptide(L)'
;NITNLCPFGEVFNATRFASVYAWNRKRISNCVADYSVLYNSASFSTFKCYGVSPTKLNDLCFTNVYADSFVIRGDEVRQI
APGQTGKIADYNYKLPDDFTGCVIAWNSNNLDSKVGGNYNYLYRLFRKSNLKPFERDISTEIYQAGSTPCNGVEGFNCYF
PLQSYGFQPTNGVGYQPYRVVVLSFELLHAPATVCGPGSHHHHHH
;
A
2 'polypeptide(L)'
;EVQLVESGGGVVQPGRSLRLSCAASGFTFSSYGMHWVRQAPGKGLEWVAVISYDGSNKYYADSVKGRFTISRDNSKNTLS
LQMNSLRPEDTAVYYCAKDSPYYYDSSGYYPGYFQDWGQGSLVTVSSASTKGPSVFPLAPSSKSTSGGTAALGCLVKDYF
PEPVTVSWNSGALTSGVHTFPAVLQSSGLYSLSSVVTVPSSSLGTQTYICNVNHKPSNTKVDKKVEPKSCDK
;
H
3 'polypeptide(L)'
;DIQMTQSPSSLSASIGDRVTITCRASQTISDYLNWYQQKPGKAPNLLIYAASTLQSGVPSRFSGSGSGTDFTLTISSLQP
EDFATYYCQQSYITPRTFGQGTKVEIKRTVAAPSVFIFPPSDEQLKSGTASVVCLLNNFYPREAKVQWKVDNALQSGNSQ
ESVTEQDSKDSTYSLSSTLTLSKADYEKHKVYACEVTHQGLSSPVTKSFNRGEC
;
L
#
# COMPACT_ATOMS: atom_id res chain seq x y z
N ASN A 1 43.93 39.81 -27.84
CA ASN A 1 45.13 40.42 -27.27
C ASN A 1 45.84 39.44 -26.34
N ILE A 2 45.13 39.00 -25.30
CA ILE A 2 45.70 38.16 -24.26
C ILE A 2 46.31 36.91 -24.89
N THR A 3 47.42 36.42 -24.30
CA THR A 3 48.16 35.27 -24.86
C THR A 3 48.58 34.32 -23.74
N ASN A 4 47.73 33.33 -23.46
CA ASN A 4 48.00 32.13 -22.68
C ASN A 4 46.74 31.28 -22.79
N LEU A 5 46.89 29.97 -22.93
CA LEU A 5 45.73 29.15 -23.24
C LEU A 5 44.98 28.75 -21.99
N CYS A 6 43.65 28.82 -22.05
CA CYS A 6 42.81 28.45 -20.90
C CYS A 6 42.72 26.93 -20.80
N PRO A 7 43.05 26.33 -19.67
CA PRO A 7 42.90 24.88 -19.52
C PRO A 7 41.47 24.50 -19.14
N PHE A 8 40.75 23.91 -20.09
CA PHE A 8 39.45 23.31 -19.80
C PHE A 8 39.58 21.88 -19.29
N GLY A 9 40.55 21.13 -19.85
CA GLY A 9 40.67 19.71 -19.56
C GLY A 9 40.78 19.39 -18.08
N GLU A 10 41.37 20.30 -17.30
CA GLU A 10 41.39 20.14 -15.85
C GLU A 10 39.99 19.95 -15.29
N VAL A 11 38.96 20.37 -16.02
CA VAL A 11 37.58 20.11 -15.66
C VAL A 11 36.99 18.96 -16.46
N PHE A 12 37.25 18.92 -17.77
CA PHE A 12 36.44 18.08 -18.65
C PHE A 12 36.86 16.61 -18.63
N ASN A 13 38.13 16.31 -18.86
CA ASN A 13 38.62 14.94 -18.66
C ASN A 13 39.27 14.77 -17.30
N ALA A 14 38.77 15.51 -16.31
CA ALA A 14 39.27 15.41 -14.94
C ALA A 14 39.10 13.98 -14.43
N THR A 15 40.20 13.42 -13.91
CA THR A 15 40.22 12.03 -13.46
C THR A 15 39.11 11.73 -12.46
N ARG A 16 38.75 12.70 -11.64
CA ARG A 16 37.64 12.57 -10.69
C ARG A 16 36.84 13.86 -10.70
N PHE A 17 35.52 13.72 -10.63
CA PHE A 17 34.61 14.86 -10.58
C PHE A 17 34.08 15.07 -9.17
N ALA A 18 33.42 16.21 -8.99
CA ALA A 18 32.85 16.55 -7.70
C ALA A 18 31.57 15.77 -7.46
N SER A 19 30.99 15.95 -6.27
CA SER A 19 29.65 15.49 -5.98
C SER A 19 28.72 16.70 -5.99
N VAL A 20 27.42 16.42 -6.19
CA VAL A 20 26.45 17.42 -6.65
C VAL A 20 26.43 18.66 -5.77
N TYR A 21 26.05 18.47 -4.50
CA TYR A 21 25.83 19.60 -3.60
C TYR A 21 27.09 20.42 -3.40
N ALA A 22 28.26 19.78 -3.40
CA ALA A 22 29.52 20.51 -3.43
C ALA A 22 30.09 20.52 -4.85
N TRP A 23 29.40 21.24 -5.72
CA TRP A 23 29.80 21.29 -7.12
C TRP A 23 31.10 22.05 -7.29
N ASN A 24 31.97 21.55 -8.15
CA ASN A 24 33.27 22.14 -8.38
C ASN A 24 33.15 23.33 -9.33
N ARG A 25 33.68 24.48 -8.92
CA ARG A 25 33.61 25.69 -9.72
C ARG A 25 35.02 26.22 -9.93
N LYS A 26 35.48 26.18 -11.18
CA LYS A 26 36.83 26.62 -11.54
C LYS A 26 36.70 27.88 -12.40
N ARG A 27 37.11 29.02 -11.84
CA ARG A 27 37.08 30.27 -12.59
C ARG A 27 38.25 30.34 -13.57
N ILE A 28 38.04 31.03 -14.68
CA ILE A 28 39.02 31.14 -15.77
C ILE A 28 39.29 32.61 -16.03
N SER A 29 40.56 32.98 -16.18
CA SER A 29 40.90 34.38 -16.42
C SER A 29 42.25 34.49 -17.13
N ASN A 30 42.47 35.68 -17.68
CA ASN A 30 43.74 36.09 -18.28
C ASN A 30 44.30 35.03 -19.23
N CYS A 31 43.44 34.55 -20.12
CA CYS A 31 43.85 33.50 -21.04
C CYS A 31 42.93 33.50 -22.27
N VAL A 32 43.13 32.51 -23.14
CA VAL A 32 42.35 32.33 -24.37
C VAL A 32 41.88 30.89 -24.43
N ALA A 33 40.78 30.67 -25.14
CA ALA A 33 40.05 29.41 -25.02
C ALA A 33 39.36 29.07 -26.34
N ASP A 34 39.68 27.92 -26.90
CA ASP A 34 39.13 27.45 -28.18
C ASP A 34 37.97 26.49 -27.89
N TYR A 35 36.76 27.04 -27.79
CA TYR A 35 35.58 26.23 -27.45
C TYR A 35 35.18 25.25 -28.55
N SER A 36 35.88 25.23 -29.69
CA SER A 36 35.59 24.22 -30.71
C SER A 36 35.76 22.81 -30.16
N VAL A 37 36.63 22.65 -29.16
CA VAL A 37 36.94 21.35 -28.57
C VAL A 37 35.68 20.57 -28.21
N LEU A 38 34.59 21.26 -27.92
CA LEU A 38 33.41 20.62 -27.35
C LEU A 38 32.28 20.41 -28.37
N TYR A 39 31.89 21.44 -29.12
CA TYR A 39 30.72 21.33 -29.97
C TYR A 39 30.99 20.58 -31.28
N ASN A 40 32.20 20.07 -31.49
CA ASN A 40 32.45 19.04 -32.49
C ASN A 40 32.67 17.67 -31.87
N SER A 41 33.09 17.62 -30.60
CA SER A 41 33.35 16.35 -29.92
C SER A 41 32.10 15.49 -29.88
N ALA A 42 32.25 14.23 -30.27
CA ALA A 42 31.16 13.27 -30.15
C ALA A 42 30.97 12.75 -28.74
N SER A 43 32.01 12.86 -27.91
CA SER A 43 31.97 12.25 -26.58
C SER A 43 30.78 12.75 -25.75
N PHE A 44 30.34 13.99 -25.99
CA PHE A 44 29.26 14.55 -25.21
C PHE A 44 27.91 14.05 -25.74
N SER A 45 27.02 13.68 -24.82
CA SER A 45 25.70 13.19 -25.19
C SER A 45 24.66 14.32 -25.20
N THR A 46 24.59 15.11 -24.13
CA THR A 46 23.73 16.28 -24.10
C THR A 46 24.61 17.54 -23.97
N PHE A 47 24.18 18.60 -24.66
CA PHE A 47 24.97 19.82 -24.76
C PHE A 47 23.99 20.93 -25.14
N LYS A 48 23.86 21.95 -24.29
CA LYS A 48 22.93 23.04 -24.56
C LYS A 48 23.61 24.39 -24.37
N CYS A 49 23.36 25.29 -25.30
CA CYS A 49 23.67 26.71 -25.14
C CYS A 49 22.44 27.43 -24.60
N TYR A 50 22.67 28.48 -23.81
CA TYR A 50 21.57 29.30 -23.30
C TYR A 50 21.94 30.75 -23.46
N GLY A 51 21.42 31.37 -24.53
CA GLY A 51 21.70 32.76 -24.81
C GLY A 51 23.08 33.04 -25.37
N VAL A 52 23.88 31.99 -25.62
CA VAL A 52 25.21 32.17 -26.18
C VAL A 52 25.30 31.41 -27.49
N SER A 53 26.06 31.96 -28.42
CA SER A 53 26.33 31.28 -29.67
C SER A 53 27.20 30.06 -29.40
N PRO A 54 26.94 28.93 -30.08
CA PRO A 54 27.91 27.84 -30.06
C PRO A 54 29.23 28.22 -30.72
N THR A 55 29.16 28.95 -31.84
CA THR A 55 30.34 29.24 -32.64
C THR A 55 30.93 30.61 -32.34
N LYS A 56 30.18 31.70 -32.58
CA LYS A 56 30.76 33.03 -32.38
C LYS A 56 31.08 33.28 -30.92
N LEU A 57 30.79 32.32 -30.05
CA LEU A 57 31.37 32.26 -28.71
C LEU A 57 32.87 32.51 -28.72
N ASN A 58 33.58 31.83 -29.64
CA ASN A 58 35.02 31.97 -29.70
C ASN A 58 35.46 33.18 -30.52
N ASP A 59 34.50 33.92 -31.10
CA ASP A 59 34.74 35.31 -31.49
C ASP A 59 34.70 36.25 -30.29
N LEU A 60 34.13 35.82 -29.18
CA LEU A 60 33.78 36.69 -28.07
C LEU A 60 34.86 36.69 -26.99
N CYS A 61 34.88 37.80 -26.23
CA CYS A 61 35.79 37.98 -25.11
C CYS A 61 34.96 38.29 -23.87
N PHE A 62 35.53 38.01 -22.70
CA PHE A 62 34.76 38.09 -21.45
C PHE A 62 35.64 38.70 -20.36
N THR A 63 35.03 38.91 -19.19
CA THR A 63 35.80 39.32 -18.02
C THR A 63 36.32 38.11 -17.26
N ASN A 64 35.64 36.98 -17.35
CA ASN A 64 36.13 35.68 -16.87
C ASN A 64 35.07 34.63 -17.20
N VAL A 65 35.50 33.38 -17.20
CA VAL A 65 34.63 32.24 -17.48
C VAL A 65 34.58 31.36 -16.23
N TYR A 66 33.37 30.95 -15.84
CA TYR A 66 33.19 30.00 -14.76
C TYR A 66 32.70 28.68 -15.33
N ALA A 67 33.51 27.64 -15.18
CA ALA A 67 33.17 26.28 -15.59
C ALA A 67 32.85 25.46 -14.34
N ASP A 68 31.59 25.04 -14.20
CA ASP A 68 31.15 24.26 -13.07
C ASP A 68 31.22 22.77 -13.41
N SER A 69 31.36 21.95 -12.38
CA SER A 69 31.63 20.52 -12.57
C SER A 69 31.08 19.71 -11.41
N PHE A 70 30.32 18.66 -11.74
CA PHE A 70 29.73 17.76 -10.75
C PHE A 70 29.18 16.54 -11.50
N VAL A 71 28.50 15.65 -10.78
CA VAL A 71 28.02 14.39 -11.35
C VAL A 71 26.66 14.05 -10.75
N ILE A 72 25.68 13.80 -11.61
CA ILE A 72 24.33 13.48 -11.21
C ILE A 72 23.89 12.19 -11.88
N ARG A 73 22.67 11.75 -11.58
CA ARG A 73 22.10 10.60 -12.25
C ARG A 73 21.51 11.03 -13.59
N GLY A 74 20.84 10.09 -14.25
CA GLY A 74 20.33 10.31 -15.59
C GLY A 74 19.07 11.15 -15.65
N ASP A 75 17.98 10.65 -15.06
CA ASP A 75 16.68 11.31 -15.18
C ASP A 75 16.68 12.73 -14.62
N GLU A 76 17.75 13.15 -13.95
CA GLU A 76 17.88 14.54 -13.49
C GLU A 76 18.97 15.30 -14.24
N VAL A 77 19.46 14.75 -15.36
CA VAL A 77 20.42 15.50 -16.16
C VAL A 77 19.79 16.79 -16.67
N ARG A 78 18.49 16.75 -16.97
CA ARG A 78 17.75 17.90 -17.45
C ARG A 78 17.41 18.90 -16.33
N GLN A 79 17.56 18.51 -15.06
CA GLN A 79 17.20 19.39 -13.96
C GLN A 79 18.06 20.63 -13.86
N ILE A 80 19.01 20.82 -14.77
CA ILE A 80 19.84 22.02 -14.78
C ILE A 80 19.54 22.81 -16.05
N ALA A 81 18.34 22.65 -16.58
CA ALA A 81 17.79 23.68 -17.43
C ALA A 81 17.29 24.82 -16.54
N PRO A 82 17.34 26.06 -17.02
CA PRO A 82 17.06 27.20 -16.14
C PRO A 82 15.63 27.19 -15.63
N GLY A 83 15.44 27.80 -14.47
CA GLY A 83 14.15 27.91 -13.81
C GLY A 83 13.39 26.59 -13.69
N GLN A 84 14.04 25.56 -13.16
CA GLN A 84 13.42 24.24 -13.10
C GLN A 84 13.40 23.73 -11.68
N THR A 85 12.56 22.73 -11.46
CA THR A 85 12.28 22.26 -10.11
C THR A 85 12.38 20.74 -10.09
N GLY A 86 12.57 20.21 -8.89
CA GLY A 86 13.04 18.86 -8.67
C GLY A 86 14.13 18.85 -7.64
N LYS A 87 14.48 17.64 -7.19
CA LYS A 87 15.39 17.52 -6.07
C LYS A 87 16.72 18.23 -6.28
N ILE A 88 17.09 18.53 -7.51
CA ILE A 88 18.42 19.08 -7.77
C ILE A 88 18.40 20.60 -7.76
N ALA A 89 17.66 21.21 -8.70
CA ALA A 89 17.68 22.67 -8.78
C ALA A 89 17.08 23.31 -7.54
N ASP A 90 16.15 22.61 -6.88
CA ASP A 90 15.57 23.15 -5.66
C ASP A 90 16.56 23.10 -4.50
N TYR A 91 17.48 22.14 -4.50
CA TYR A 91 18.22 21.83 -3.29
C TYR A 91 19.73 22.03 -3.43
N ASN A 92 20.37 21.46 -4.46
CA ASN A 92 21.83 21.38 -4.46
C ASN A 92 22.54 21.96 -5.68
N TYR A 93 21.83 22.32 -6.76
CA TYR A 93 22.46 23.13 -7.80
C TYR A 93 21.38 23.78 -8.67
N LYS A 94 21.39 25.11 -8.75
CA LYS A 94 20.35 25.84 -9.45
C LYS A 94 20.97 26.92 -10.32
N LEU A 95 20.61 26.93 -11.59
CA LEU A 95 20.83 28.03 -12.52
C LEU A 95 19.65 28.99 -12.48
N PRO A 96 19.87 30.29 -12.53
CA PRO A 96 18.75 31.24 -12.52
C PRO A 96 18.01 31.24 -13.84
N ASP A 97 16.78 31.79 -13.81
CA ASP A 97 15.99 31.89 -15.03
C ASP A 97 16.73 32.70 -16.10
N ASP A 98 17.35 33.80 -15.70
CA ASP A 98 18.11 34.66 -16.61
C ASP A 98 19.51 34.14 -16.88
N PHE A 99 19.61 32.87 -17.27
CA PHE A 99 20.89 32.21 -17.41
C PHE A 99 21.53 32.50 -18.76
N THR A 100 22.85 32.68 -18.75
CA THR A 100 23.64 32.86 -19.96
C THR A 100 24.84 31.94 -19.86
N GLY A 101 24.82 30.84 -20.62
CA GLY A 101 25.93 29.90 -20.53
C GLY A 101 25.68 28.61 -21.30
N CYS A 102 26.28 27.54 -20.79
CA CYS A 102 26.36 26.28 -21.53
C CYS A 102 26.32 25.11 -20.56
N VAL A 103 25.54 24.09 -20.90
CA VAL A 103 25.43 22.86 -20.13
C VAL A 103 25.93 21.71 -20.99
N ILE A 104 26.76 20.84 -20.40
CA ILE A 104 27.33 19.70 -21.09
C ILE A 104 27.28 18.48 -20.18
N ALA A 105 26.89 17.34 -20.74
CA ALA A 105 26.77 16.10 -19.97
C ALA A 105 27.01 14.89 -20.87
N TRP A 106 27.40 13.78 -20.25
CA TRP A 106 27.77 12.56 -20.95
C TRP A 106 27.85 11.42 -19.95
N ASN A 107 27.69 10.19 -20.45
CA ASN A 107 27.64 9.02 -19.59
C ASN A 107 28.97 8.83 -18.86
N SER A 108 28.89 8.54 -17.56
CA SER A 108 30.07 8.20 -16.75
C SER A 108 29.96 6.83 -16.10
N ASN A 109 28.95 6.04 -16.46
CA ASN A 109 28.90 4.63 -16.08
C ASN A 109 30.22 3.94 -16.41
N ASN A 110 30.84 4.36 -17.52
CA ASN A 110 32.16 3.86 -17.91
C ASN A 110 33.19 4.11 -16.81
N LEU A 111 33.09 5.25 -16.13
CA LEU A 111 34.10 5.68 -15.16
C LEU A 111 33.58 5.64 -13.73
N ASP A 112 32.46 6.32 -13.45
CA ASP A 112 32.05 6.64 -12.09
C ASP A 112 31.14 5.58 -11.48
N SER A 113 31.01 4.42 -12.10
CA SER A 113 30.06 3.40 -11.65
C SER A 113 30.75 2.04 -11.60
N LYS A 114 30.78 1.42 -10.43
CA LYS A 114 31.40 0.12 -10.26
C LYS A 114 30.43 -0.85 -9.61
N VAL A 115 30.77 -2.14 -9.68
CA VAL A 115 29.91 -3.18 -9.11
C VAL A 115 29.83 -3.00 -7.60
N GLY A 116 28.71 -3.44 -7.04
CA GLY A 116 28.40 -3.15 -5.65
C GLY A 116 27.65 -1.85 -5.54
N GLY A 117 28.25 -0.77 -6.06
CA GLY A 117 27.64 0.53 -6.08
C GLY A 117 28.58 1.64 -5.64
N ASN A 118 28.74 2.67 -6.47
CA ASN A 118 29.54 3.84 -6.10
C ASN A 118 28.65 4.80 -5.30
N TYR A 119 28.27 4.35 -4.11
CA TYR A 119 27.46 5.16 -3.21
C TYR A 119 28.21 6.37 -2.68
N ASN A 120 29.48 6.57 -3.09
CA ASN A 120 30.24 7.69 -2.58
C ASN A 120 29.81 9.01 -3.23
N TYR A 121 29.08 8.94 -4.34
CA TYR A 121 28.44 10.11 -4.92
C TYR A 121 27.10 10.32 -4.21
N LEU A 122 26.92 11.50 -3.63
CA LEU A 122 25.69 11.82 -2.91
C LEU A 122 25.06 13.08 -3.48
N TYR A 123 23.74 13.17 -3.34
CA TYR A 123 23.05 14.42 -3.59
C TYR A 123 22.48 14.90 -2.26
N ARG A 124 21.90 16.10 -2.28
CA ARG A 124 21.17 16.61 -1.14
C ARG A 124 19.70 16.29 -1.31
N LEU A 125 19.13 15.65 -0.29
CA LEU A 125 17.77 15.16 -0.33
C LEU A 125 16.81 15.99 0.52
N PHE A 126 17.32 16.75 1.50
CA PHE A 126 16.49 17.58 2.34
C PHE A 126 17.12 18.96 2.52
N ARG A 127 16.26 19.96 2.66
CA ARG A 127 16.66 21.34 2.93
C ARG A 127 15.40 22.13 3.27
N LYS A 128 15.49 22.95 4.32
CA LYS A 128 14.32 23.71 4.75
C LYS A 128 13.96 24.78 3.73
N SER A 129 14.95 25.47 3.18
CA SER A 129 14.76 26.51 2.19
C SER A 129 15.05 25.98 0.79
N ASN A 130 14.78 26.81 -0.21
CA ASN A 130 15.19 26.51 -1.57
C ASN A 130 16.61 26.98 -1.80
N LEU A 131 17.19 26.55 -2.91
CA LEU A 131 18.55 26.91 -3.23
C LEU A 131 18.59 28.16 -4.10
N LYS A 132 19.52 29.05 -3.80
CA LYS A 132 19.76 30.24 -4.61
C LYS A 132 20.53 29.87 -5.87
N PRO A 133 20.62 30.78 -6.86
CA PRO A 133 21.41 30.44 -8.05
C PRO A 133 22.89 30.45 -7.72
N PHE A 134 23.56 29.32 -7.99
CA PHE A 134 24.94 29.06 -7.61
C PHE A 134 25.15 29.05 -6.11
N GLU A 135 24.13 28.73 -5.32
CA GLU A 135 24.35 28.52 -3.89
C GLU A 135 24.87 27.11 -3.65
N ARG A 136 25.94 27.00 -2.87
CA ARG A 136 26.60 25.73 -2.60
C ARG A 136 26.15 25.22 -1.24
N ASP A 137 25.46 24.09 -1.20
CA ASP A 137 25.04 23.52 0.06
C ASP A 137 26.01 22.43 0.51
N ILE A 138 26.72 22.71 1.60
CA ILE A 138 27.52 21.71 2.30
C ILE A 138 27.14 21.72 3.78
N SER A 139 25.90 22.10 4.08
CA SER A 139 25.40 22.05 5.44
C SER A 139 24.88 20.64 5.75
N THR A 140 25.22 20.13 6.95
CA THR A 140 24.94 18.75 7.29
C THR A 140 24.02 18.61 8.50
N GLU A 141 23.25 19.65 8.84
CA GLU A 141 22.50 19.71 10.09
C GLU A 141 21.38 18.68 10.16
N ILE A 142 20.68 18.62 11.29
CA ILE A 142 19.40 17.92 11.32
C ILE A 142 18.47 18.60 10.34
N TYR A 143 17.78 17.81 9.52
CA TYR A 143 16.65 18.34 8.76
C TYR A 143 15.43 18.13 9.65
N GLN A 144 15.07 19.16 10.40
CA GLN A 144 13.91 19.09 11.25
C GLN A 144 12.66 18.89 10.40
N ALA A 145 11.92 17.82 10.67
CA ALA A 145 10.81 17.42 9.82
C ALA A 145 9.51 18.16 10.14
N GLY A 146 9.60 19.32 10.80
CA GLY A 146 8.45 20.18 10.95
C GLY A 146 7.48 19.86 12.06
N SER A 147 7.85 18.96 12.98
CA SER A 147 6.98 18.63 14.10
C SER A 147 7.66 18.76 15.45
N THR A 148 8.93 18.35 15.56
CA THR A 148 9.60 18.24 16.83
C THR A 148 11.01 18.79 16.75
N PRO A 149 11.53 19.37 17.82
CA PRO A 149 12.91 19.87 17.83
C PRO A 149 13.91 18.73 17.90
N CYS A 150 15.18 19.07 17.72
CA CYS A 150 16.17 18.02 17.55
C CYS A 150 17.57 18.57 17.73
N ASN A 151 18.45 17.72 18.27
CA ASN A 151 19.89 17.98 18.34
C ASN A 151 20.60 16.66 18.04
N GLY A 152 21.28 16.58 16.90
CA GLY A 152 21.79 15.29 16.48
C GLY A 152 20.67 14.46 15.88
N VAL A 153 21.01 13.54 14.99
CA VAL A 153 20.02 13.01 14.06
C VAL A 153 19.21 11.90 14.73
N GLU A 154 19.33 11.80 16.06
CA GLU A 154 18.66 10.78 16.86
C GLU A 154 17.24 10.52 16.39
N GLY A 155 17.00 9.29 15.93
CA GLY A 155 15.66 8.82 15.65
C GLY A 155 14.99 9.51 14.48
N PHE A 156 13.69 9.70 14.62
CA PHE A 156 12.83 10.09 13.51
C PHE A 156 12.58 11.59 13.52
N ASN A 157 11.98 12.06 12.43
CA ASN A 157 11.70 13.47 12.18
C ASN A 157 12.96 14.32 12.21
N CYS A 158 14.14 13.70 12.07
CA CYS A 158 15.41 14.40 11.97
C CYS A 158 16.27 13.60 11.01
N TYR A 159 16.43 14.10 9.79
CA TYR A 159 17.05 13.34 8.71
C TYR A 159 18.41 13.91 8.36
N PHE A 160 19.37 13.01 8.17
CA PHE A 160 20.67 13.36 7.62
C PHE A 160 20.44 13.91 6.21
N PRO A 161 20.83 15.16 5.92
CA PRO A 161 20.28 15.84 4.74
C PRO A 161 20.57 15.17 3.41
N LEU A 162 21.58 14.31 3.33
CA LEU A 162 22.10 13.86 2.04
C LEU A 162 21.61 12.45 1.75
N GLN A 163 22.05 11.92 0.61
CA GLN A 163 21.67 10.59 0.16
C GLN A 163 22.63 10.13 -0.94
N SER A 164 23.06 8.88 -0.87
CA SER A 164 23.98 8.33 -1.85
C SER A 164 23.24 8.00 -3.14
N TYR A 165 24.01 7.95 -4.24
CA TYR A 165 23.54 7.37 -5.50
C TYR A 165 24.06 5.96 -5.61
N GLY A 166 23.18 4.97 -5.55
CA GLY A 166 23.58 3.62 -5.91
C GLY A 166 23.88 3.52 -7.39
N PHE A 167 25.16 3.46 -7.76
CA PHE A 167 25.54 3.36 -9.17
C PHE A 167 25.96 1.92 -9.46
N GLN A 168 24.96 1.06 -9.71
CA GLN A 168 25.42 -0.21 -10.25
C GLN A 168 25.48 -0.13 -11.78
N PRO A 169 26.46 -0.79 -12.40
CA PRO A 169 26.55 -0.70 -13.87
C PRO A 169 25.34 -1.28 -14.59
N THR A 170 24.74 -2.34 -14.07
CA THR A 170 23.55 -2.91 -14.70
C THR A 170 22.35 -1.98 -14.61
N ASN A 171 22.33 -1.05 -13.66
CA ASN A 171 21.20 -0.14 -13.50
C ASN A 171 20.97 0.66 -14.77
N GLY A 172 19.71 0.98 -15.03
CA GLY A 172 19.33 1.69 -16.24
C GLY A 172 19.91 3.08 -16.37
N VAL A 173 19.57 3.78 -17.45
CA VAL A 173 20.27 5.01 -17.78
C VAL A 173 19.74 6.20 -16.98
N GLY A 174 18.44 6.22 -16.68
CA GLY A 174 17.93 7.22 -15.75
C GLY A 174 18.54 7.14 -14.37
N TYR A 175 19.05 5.97 -13.98
CA TYR A 175 19.71 5.78 -12.70
C TYR A 175 21.16 5.34 -12.89
N GLN A 176 21.76 5.86 -13.95
CA GLN A 176 23.19 5.80 -14.23
C GLN A 176 23.83 7.11 -13.80
N PRO A 177 25.16 7.21 -13.84
CA PRO A 177 25.82 8.49 -13.55
C PRO A 177 26.09 9.30 -14.80
N TYR A 178 26.11 10.62 -14.60
CA TYR A 178 26.29 11.58 -15.68
C TYR A 178 27.13 12.74 -15.17
N ARG A 179 28.38 12.79 -15.60
CA ARG A 179 29.21 13.96 -15.39
C ARG A 179 28.55 15.16 -16.05
N VAL A 180 28.69 16.32 -15.43
CA VAL A 180 28.00 17.54 -15.88
C VAL A 180 28.95 18.73 -15.74
N VAL A 181 29.15 19.45 -16.84
CA VAL A 181 29.98 20.66 -16.85
C VAL A 181 29.08 21.83 -17.19
N VAL A 182 28.89 22.74 -16.25
CA VAL A 182 28.04 23.92 -16.44
C VAL A 182 28.97 25.10 -16.69
N LEU A 183 29.20 25.40 -17.97
CA LEU A 183 29.98 26.57 -18.33
C LEU A 183 29.17 27.84 -18.05
N SER A 184 29.89 28.95 -17.91
CA SER A 184 29.22 30.21 -17.60
C SER A 184 30.19 31.35 -17.86
N PHE A 185 29.65 32.47 -18.36
CA PHE A 185 30.45 33.63 -18.76
C PHE A 185 29.84 34.89 -18.16
N GLU A 186 30.70 35.84 -17.78
CA GLU A 186 30.25 37.13 -17.26
C GLU A 186 31.09 38.25 -17.84
N LEU A 187 30.48 39.44 -17.89
CA LEU A 187 31.16 40.66 -18.31
C LEU A 187 31.07 41.68 -17.19
N LEU A 188 31.72 42.83 -17.40
CA LEU A 188 31.70 43.92 -16.43
C LEU A 188 32.37 45.14 -17.05
N HIS A 189 32.11 46.29 -16.43
CA HIS A 189 32.81 47.53 -16.74
C HIS A 189 34.23 47.41 -16.16
N ALA A 190 35.01 46.49 -16.75
CA ALA A 190 36.32 46.05 -16.29
C ALA A 190 36.97 45.25 -17.42
N PRO A 191 38.31 45.25 -17.52
CA PRO A 191 38.98 44.83 -18.75
C PRO A 191 38.57 43.46 -19.27
N ALA A 192 38.69 43.28 -20.58
CA ALA A 192 38.54 41.96 -21.18
C ALA A 192 39.65 41.05 -20.68
N THR A 193 39.27 39.86 -20.25
CA THR A 193 40.21 38.99 -19.55
C THR A 193 40.30 37.60 -20.15
N VAL A 194 39.20 37.05 -20.67
CA VAL A 194 39.22 35.77 -21.37
C VAL A 194 38.69 35.98 -22.78
N CYS A 195 39.48 35.61 -23.78
CA CYS A 195 39.08 35.71 -25.17
C CYS A 195 38.93 34.31 -25.78
N GLY A 196 38.28 34.27 -26.95
CA GLY A 196 38.30 33.10 -27.79
C GLY A 196 39.34 33.26 -28.88
N PRO A 197 39.58 32.21 -29.66
CA PRO A 197 40.59 32.31 -30.73
C PRO A 197 40.26 33.37 -31.76
N GLY A 198 39.10 33.25 -32.39
CA GLY A 198 38.73 34.21 -33.42
C GLY A 198 38.20 35.51 -32.87
N SER A 199 38.92 36.10 -31.90
CA SER A 199 38.47 37.30 -31.21
C SER A 199 39.36 38.49 -31.53
N HIS A 200 39.75 38.62 -32.80
CA HIS A 200 40.40 39.81 -33.36
C HIS A 200 41.38 40.52 -32.43
N GLU B 1 11.81 -14.63 1.21
CA GLU B 1 10.47 -14.75 1.76
C GLU B 1 10.38 -14.12 3.14
N VAL B 2 9.88 -12.89 3.21
CA VAL B 2 9.72 -12.17 4.48
C VAL B 2 8.42 -12.64 5.10
N GLN B 3 8.51 -13.56 6.07
CA GLN B 3 7.35 -14.01 6.81
C GLN B 3 7.22 -13.24 8.11
N LEU B 4 6.00 -12.86 8.44
CA LEU B 4 5.69 -12.13 9.68
C LEU B 4 4.34 -12.63 10.18
N VAL B 5 4.36 -13.56 11.13
CA VAL B 5 3.15 -14.01 11.80
C VAL B 5 3.18 -13.51 13.24
N GLU B 6 1.98 -13.41 13.82
CA GLU B 6 1.79 -12.71 15.07
C GLU B 6 0.67 -13.39 15.83
N SER B 7 0.68 -13.25 17.15
CA SER B 7 -0.42 -13.78 17.94
C SER B 7 -0.48 -13.03 19.26
N GLY B 8 -1.42 -13.45 20.11
CA GLY B 8 -1.94 -12.65 21.19
C GLY B 8 -3.31 -12.12 20.89
N GLY B 9 -3.75 -12.20 19.64
CA GLY B 9 -5.09 -11.78 19.27
C GLY B 9 -6.17 -12.52 20.00
N GLY B 10 -7.04 -11.79 20.69
CA GLY B 10 -8.04 -12.44 21.51
C GLY B 10 -8.97 -11.47 22.21
N VAL B 11 -9.19 -11.68 23.50
CA VAL B 11 -10.17 -10.92 24.26
C VAL B 11 -9.50 -10.24 25.44
N VAL B 12 -10.06 -9.11 25.85
CA VAL B 12 -9.58 -8.40 27.04
C VAL B 12 -10.66 -7.41 27.48
N GLN B 13 -10.87 -7.32 28.79
CA GLN B 13 -11.74 -6.29 29.34
C GLN B 13 -11.00 -4.96 29.41
N PRO B 14 -11.66 -3.86 29.06
CA PRO B 14 -10.98 -2.55 29.10
C PRO B 14 -10.44 -2.26 30.49
N GLY B 15 -9.37 -1.47 30.54
CA GLY B 15 -8.61 -1.27 31.75
C GLY B 15 -7.67 -2.41 32.10
N ARG B 16 -7.97 -3.62 31.66
CA ARG B 16 -7.03 -4.73 31.68
C ARG B 16 -6.18 -4.71 30.41
N SER B 17 -5.14 -5.53 30.39
CA SER B 17 -4.11 -5.41 29.37
C SER B 17 -3.87 -6.73 28.64
N LEU B 18 -3.18 -6.64 27.51
CA LEU B 18 -2.62 -7.78 26.81
C LEU B 18 -1.54 -7.27 25.86
N ARG B 19 -0.84 -8.19 25.21
CA ARG B 19 0.21 -7.79 24.30
C ARG B 19 0.28 -8.78 23.14
N LEU B 20 0.74 -8.27 22.00
CA LEU B 20 0.83 -9.02 20.75
C LEU B 20 2.29 -9.31 20.44
N SER B 21 2.54 -10.43 19.76
CA SER B 21 3.90 -10.92 19.53
C SER B 21 4.08 -11.25 18.06
N CYS B 22 4.81 -10.38 17.34
CA CYS B 22 5.06 -10.54 15.90
C CYS B 22 6.38 -11.28 15.69
N ALA B 23 6.29 -12.51 15.18
CA ALA B 23 7.46 -13.37 14.98
C ALA B 23 8.02 -13.18 13.58
N ALA B 24 9.32 -12.89 13.48
CA ALA B 24 9.96 -12.62 12.21
C ALA B 24 10.56 -13.88 11.61
N SER B 25 10.85 -13.81 10.31
CA SER B 25 11.40 -14.95 9.56
C SER B 25 11.80 -14.47 8.17
N GLY B 26 12.81 -15.13 7.60
CA GLY B 26 13.16 -14.94 6.21
C GLY B 26 13.75 -13.59 5.84
N PHE B 27 14.17 -12.81 6.83
CA PHE B 27 14.81 -11.53 6.58
C PHE B 27 15.55 -11.12 7.85
N THR B 28 16.61 -10.34 7.69
CA THR B 28 17.38 -9.89 8.84
C THR B 28 16.52 -8.96 9.68
N PHE B 29 16.10 -9.44 10.86
CA PHE B 29 15.30 -8.62 11.75
C PHE B 29 16.05 -7.37 12.17
N SER B 30 17.38 -7.40 12.16
CA SER B 30 18.17 -6.23 12.46
C SER B 30 18.18 -5.21 11.31
N SER B 31 17.88 -5.64 10.09
CA SER B 31 18.04 -4.80 8.90
C SER B 31 17.45 -3.41 9.07
N TYR B 32 16.23 -3.31 9.62
CA TYR B 32 15.64 -2.03 9.99
C TYR B 32 14.48 -2.29 10.95
N GLY B 33 13.89 -1.19 11.45
CA GLY B 33 12.89 -1.27 12.49
C GLY B 33 11.47 -1.45 11.98
N MET B 34 10.56 -1.70 12.92
CA MET B 34 9.20 -2.12 12.63
C MET B 34 8.18 -1.10 13.12
N HIS B 35 6.98 -1.20 12.55
CA HIS B 35 5.80 -0.51 13.03
C HIS B 35 4.68 -1.51 13.30
N TRP B 36 3.80 -1.14 14.22
CA TRP B 36 2.49 -1.75 14.35
C TRP B 36 1.46 -0.81 13.72
N VAL B 37 0.53 -1.37 12.96
CA VAL B 37 -0.55 -0.61 12.33
C VAL B 37 -1.87 -1.31 12.60
N ARG B 38 -2.87 -0.54 13.02
CA ARG B 38 -4.12 -1.07 13.55
C ARG B 38 -5.28 -0.74 12.61
N GLN B 39 -6.03 -1.76 12.23
CA GLN B 39 -7.19 -1.62 11.34
C GLN B 39 -8.44 -2.01 12.11
N ALA B 40 -9.28 -1.02 12.41
CA ALA B 40 -10.59 -1.27 13.00
C ALA B 40 -11.37 -2.18 12.04
N PRO B 41 -12.29 -3.01 12.51
CA PRO B 41 -12.92 -3.97 11.61
C PRO B 41 -13.68 -3.27 10.48
N GLY B 42 -13.20 -3.46 9.26
CA GLY B 42 -13.74 -2.78 8.09
C GLY B 42 -13.74 -1.27 8.22
N LYS B 43 -12.60 -0.72 8.62
CA LYS B 43 -12.42 0.73 8.65
C LYS B 43 -11.06 1.08 8.07
N GLY B 44 -10.65 2.33 8.23
CA GLY B 44 -9.36 2.76 7.72
C GLY B 44 -8.19 2.16 8.49
N LEU B 45 -7.02 2.23 7.88
CA LEU B 45 -5.79 1.82 8.55
C LEU B 45 -5.31 2.95 9.46
N GLU B 46 -4.96 2.60 10.69
CA GLU B 46 -4.50 3.57 11.68
C GLU B 46 -3.10 3.18 12.13
N TRP B 47 -2.13 4.05 11.86
CA TRP B 47 -0.76 3.82 12.29
C TRP B 47 -0.65 3.94 13.81
N VAL B 48 0.09 3.02 14.42
CA VAL B 48 0.16 2.89 15.89
C VAL B 48 1.50 3.39 16.43
N ALA B 49 2.59 2.73 16.06
CA ALA B 49 3.87 3.03 16.70
C ALA B 49 5.00 2.44 15.87
N VAL B 50 6.22 2.93 16.13
CA VAL B 50 7.42 2.47 15.46
C VAL B 50 8.49 2.19 16.52
N ILE B 51 9.30 1.15 16.28
CA ILE B 51 10.50 0.91 17.07
C ILE B 51 11.67 0.80 16.09
N SER B 52 12.87 1.08 16.59
CA SER B 52 13.98 1.39 15.70
C SER B 52 14.77 0.14 15.31
N TYR B 53 15.80 0.38 14.48
CA TYR B 53 16.78 -0.64 14.12
C TYR B 53 17.44 -1.24 15.35
N ASP B 54 17.70 -0.43 16.37
CA ASP B 54 18.48 -0.82 17.53
C ASP B 54 17.71 -0.59 18.82
N GLY B 55 16.41 -0.92 18.80
CA GLY B 55 15.59 -0.95 20.01
C GLY B 55 15.64 0.27 20.90
N SER B 56 16.15 1.39 20.39
CA SER B 56 16.38 2.56 21.23
C SER B 56 15.31 3.64 21.07
N ASN B 57 14.80 3.84 19.86
CA ASN B 57 13.89 4.94 19.56
C ASN B 57 12.51 4.41 19.22
N LYS B 58 11.49 5.05 19.77
CA LYS B 58 10.10 4.69 19.51
C LYS B 58 9.25 5.95 19.40
N TYR B 59 8.49 6.05 18.33
CA TYR B 59 7.37 6.97 18.24
C TYR B 59 6.05 6.22 18.36
N TYR B 60 5.06 6.87 18.94
CA TYR B 60 3.73 6.30 19.07
C TYR B 60 2.72 7.28 18.49
N ALA B 61 1.49 6.80 18.31
CA ALA B 61 0.40 7.70 17.96
C ALA B 61 -0.15 8.33 19.23
N ASP B 62 -0.72 9.53 19.09
CA ASP B 62 -1.26 10.23 20.24
C ASP B 62 -2.43 9.48 20.87
N SER B 63 -3.02 8.54 20.16
CA SER B 63 -4.03 7.68 20.77
C SER B 63 -3.39 6.73 21.78
N VAL B 64 -2.16 6.29 21.52
CA VAL B 64 -1.53 5.22 22.27
C VAL B 64 -0.33 5.70 23.08
N LYS B 65 -0.04 7.00 23.09
CA LYS B 65 0.99 7.54 23.98
C LYS B 65 0.39 7.68 25.38
N GLY B 66 0.70 6.71 26.24
CA GLY B 66 0.23 6.75 27.61
C GLY B 66 -0.23 5.40 28.13
N ARG B 67 -0.71 4.54 27.24
CA ARG B 67 -1.24 3.25 27.63
C ARG B 67 -0.75 2.10 26.78
N PHE B 68 0.05 2.37 25.74
CA PHE B 68 0.60 1.34 24.89
C PHE B 68 2.12 1.43 24.92
N THR B 69 2.78 0.32 24.60
CA THR B 69 4.23 0.32 24.56
C THR B 69 4.72 -0.76 23.60
N ILE B 70 5.77 -0.43 22.84
CA ILE B 70 6.27 -1.28 21.77
C ILE B 70 7.68 -1.73 22.12
N SER B 71 8.02 -2.96 21.73
CA SER B 71 9.31 -3.55 22.08
C SER B 71 9.60 -4.69 21.11
N ARG B 72 10.88 -5.04 20.99
CA ARG B 72 11.27 -6.12 20.10
C ARG B 72 12.45 -6.88 20.69
N ASP B 73 12.57 -8.14 20.29
CA ASP B 73 13.65 -9.03 20.72
C ASP B 73 14.50 -9.32 19.49
N ASN B 74 15.68 -8.71 19.42
CA ASN B 74 16.54 -8.90 18.26
C ASN B 74 17.18 -10.28 18.23
N SER B 75 17.18 -11.00 19.35
CA SER B 75 17.83 -12.32 19.40
C SER B 75 16.92 -13.40 18.83
N LYS B 76 15.72 -13.53 19.39
CA LYS B 76 14.73 -14.46 18.86
C LYS B 76 13.89 -13.84 17.75
N ASN B 77 14.23 -12.63 17.31
CA ASN B 77 13.69 -12.03 16.10
C ASN B 77 12.17 -11.88 16.20
N THR B 78 11.74 -11.13 17.23
CA THR B 78 10.31 -10.91 17.44
C THR B 78 10.05 -9.50 17.93
N LEU B 79 8.89 -8.97 17.53
CA LEU B 79 8.39 -7.67 17.95
C LEU B 79 7.17 -7.86 18.83
N SER B 80 6.96 -6.93 19.77
CA SER B 80 5.83 -7.05 20.68
C SER B 80 5.29 -5.67 21.03
N LEU B 81 3.96 -5.53 20.98
CA LEU B 81 3.27 -4.32 21.40
C LEU B 81 2.46 -4.68 22.64
N GLN B 82 2.80 -4.07 23.77
CA GLN B 82 2.01 -4.26 24.98
C GLN B 82 1.03 -3.11 25.13
N MET B 83 -0.20 -3.44 25.49
CA MET B 83 -1.33 -2.52 25.46
C MET B 83 -2.01 -2.57 26.84
N ASN B 84 -1.94 -1.47 27.59
CA ASN B 84 -2.24 -1.56 29.01
C ASN B 84 -3.68 -1.25 29.43
N SER B 85 -4.13 0.00 29.27
CA SER B 85 -5.50 0.36 29.66
C SER B 85 -6.31 0.49 28.39
N LEU B 86 -6.77 -0.65 27.89
CA LEU B 86 -7.43 -0.68 26.60
C LEU B 86 -8.77 0.04 26.66
N ARG B 87 -9.08 0.70 25.59
CA ARG B 87 -10.37 1.33 25.35
C ARG B 87 -11.07 0.60 24.23
N PRO B 88 -12.42 0.53 24.24
CA PRO B 88 -13.12 -0.15 23.14
C PRO B 88 -12.76 0.41 21.78
N GLU B 89 -12.34 1.68 21.75
CA GLU B 89 -11.70 2.23 20.56
C GLU B 89 -10.59 1.34 20.03
N ASP B 90 -9.86 0.67 20.93
CA ASP B 90 -8.73 -0.14 20.50
C ASP B 90 -9.13 -1.44 19.81
N THR B 91 -10.41 -1.78 19.79
CA THR B 91 -10.86 -2.98 19.09
C THR B 91 -10.46 -2.89 17.63
N ALA B 92 -9.63 -3.82 17.18
CA ALA B 92 -9.18 -3.85 15.80
C ALA B 92 -8.35 -5.11 15.59
N VAL B 93 -8.03 -5.36 14.35
CA VAL B 93 -6.93 -6.27 14.02
C VAL B 93 -5.66 -5.43 13.96
N TYR B 94 -4.52 -6.05 14.25
CA TYR B 94 -3.24 -5.37 14.28
C TYR B 94 -2.28 -6.05 13.32
N TYR B 95 -1.32 -5.26 12.83
CA TYR B 95 -0.34 -5.72 11.85
C TYR B 95 1.03 -5.18 12.25
N CYS B 96 2.06 -6.02 12.14
CA CYS B 96 3.43 -5.55 12.23
C CYS B 96 3.98 -5.32 10.82
N ALA B 97 4.87 -4.34 10.70
CA ALA B 97 5.24 -3.82 9.39
C ALA B 97 6.75 -3.59 9.29
N LYS B 98 7.32 -4.02 8.16
CA LYS B 98 8.72 -3.71 7.84
C LYS B 98 8.81 -2.36 7.17
N ASP B 99 9.89 -1.63 7.48
CA ASP B 99 10.13 -0.29 6.94
C ASP B 99 11.02 -0.32 5.70
N SER B 100 10.58 -1.05 4.65
CA SER B 100 11.34 -1.33 3.43
C SER B 100 12.06 -0.09 2.90
N PRO B 101 13.28 -0.24 2.30
CA PRO B 101 14.31 0.81 2.37
C PRO B 101 13.90 2.24 2.06
N TYR B 102 13.46 2.53 0.83
CA TYR B 102 12.89 3.84 0.50
C TYR B 102 13.90 4.97 0.76
N TYR B 103 14.96 4.99 -0.03
CA TYR B 103 15.86 6.15 -0.05
C TYR B 103 15.34 7.27 -0.96
N PRO B 111 10.71 8.42 5.24
CA PRO B 111 11.08 7.30 4.37
C PRO B 111 10.59 5.94 4.89
N GLY B 112 9.35 5.58 4.51
CA GLY B 112 8.63 4.43 5.02
C GLY B 112 8.33 3.33 4.03
N TYR B 113 7.08 3.30 3.52
CA TYR B 113 6.66 2.34 2.50
C TYR B 113 6.68 0.89 3.01
N PHE B 114 5.69 0.56 3.84
CA PHE B 114 5.53 -0.80 4.37
C PHE B 114 5.13 -1.74 3.24
N GLN B 115 6.07 -2.55 2.75
CA GLN B 115 5.70 -3.58 1.78
C GLN B 115 5.31 -4.90 2.43
N ASP B 116 5.89 -5.21 3.59
CA ASP B 116 5.79 -6.52 4.21
C ASP B 116 4.89 -6.44 5.44
N TRP B 117 3.74 -7.08 5.36
CA TRP B 117 2.73 -7.04 6.40
C TRP B 117 2.54 -8.42 7.02
N GLY B 118 2.15 -8.42 8.30
CA GLY B 118 1.67 -9.63 8.91
C GLY B 118 0.21 -9.89 8.53
N GLN B 119 -0.15 -11.17 8.55
CA GLN B 119 -1.53 -11.61 8.28
C GLN B 119 -2.54 -10.77 9.06
N GLY B 120 -2.18 -10.41 10.28
CA GLY B 120 -3.05 -9.70 11.18
C GLY B 120 -3.46 -10.56 12.36
N SER B 121 -3.86 -9.89 13.44
CA SER B 121 -4.37 -10.56 14.62
C SER B 121 -5.34 -9.62 15.31
N LEU B 122 -6.48 -10.15 15.73
CA LEU B 122 -7.61 -9.34 16.16
C LEU B 122 -7.63 -9.22 17.68
N VAL B 123 -7.65 -7.98 18.16
CA VAL B 123 -7.93 -7.69 19.57
C VAL B 123 -9.39 -7.28 19.67
N THR B 124 -10.19 -8.14 20.30
CA THR B 124 -11.59 -7.85 20.59
C THR B 124 -11.72 -7.57 22.08
N VAL B 125 -12.28 -6.42 22.44
CA VAL B 125 -12.19 -5.94 23.83
C VAL B 125 -13.49 -6.13 24.59
N SER B 126 -14.34 -7.05 24.13
CA SER B 126 -15.63 -7.29 24.79
C SER B 126 -15.45 -8.13 26.04
N SER B 127 -16.19 -7.79 27.08
CA SER B 127 -16.12 -8.58 28.29
C SER B 127 -17.00 -9.82 28.20
N ALA B 128 -16.82 -10.63 27.17
CA ALA B 128 -17.64 -11.81 26.92
C ALA B 128 -16.80 -13.07 27.08
N SER B 129 -17.40 -14.11 27.66
CA SER B 129 -16.70 -15.36 27.88
C SER B 129 -16.23 -15.92 26.54
N THR B 130 -14.92 -16.17 26.44
CA THR B 130 -14.34 -16.65 25.20
C THR B 130 -14.94 -18.01 24.84
N LYS B 131 -15.78 -18.06 23.81
CA LYS B 131 -16.55 -19.26 23.48
C LYS B 131 -16.21 -19.77 22.09
N GLY B 132 -16.05 -21.09 21.99
CA GLY B 132 -15.86 -21.74 20.72
C GLY B 132 -17.18 -21.96 20.00
N PRO B 133 -17.09 -22.44 18.77
CA PRO B 133 -18.28 -22.54 17.91
C PRO B 133 -19.06 -23.82 18.17
N SER B 134 -20.17 -23.94 17.45
CA SER B 134 -21.09 -25.06 17.53
C SER B 134 -21.49 -25.49 16.12
N VAL B 135 -20.49 -25.70 15.26
CA VAL B 135 -20.72 -25.72 13.81
C VAL B 135 -21.75 -26.78 13.42
N PHE B 136 -22.39 -26.56 12.27
CA PHE B 136 -23.51 -27.34 11.78
C PHE B 136 -23.38 -27.52 10.28
N PRO B 137 -23.87 -28.64 9.75
CA PRO B 137 -23.78 -28.87 8.30
C PRO B 137 -24.95 -28.25 7.54
N LEU B 138 -24.74 -28.10 6.24
CA LEU B 138 -25.77 -27.60 5.33
C LEU B 138 -25.90 -28.61 4.19
N ALA B 139 -26.75 -29.61 4.39
CA ALA B 139 -26.92 -30.67 3.40
C ALA B 139 -27.44 -30.09 2.08
N PRO B 140 -27.19 -30.78 0.97
CA PRO B 140 -27.59 -30.25 -0.36
C PRO B 140 -29.11 -30.32 -0.54
N SER B 141 -29.70 -29.18 -0.88
CA SER B 141 -31.15 -29.11 -1.06
C SER B 141 -31.58 -30.02 -2.20
N SER B 142 -32.63 -30.79 -1.96
CA SER B 142 -33.02 -31.89 -2.83
C SER B 142 -33.50 -31.46 -4.22
N LYS B 143 -33.52 -30.16 -4.53
CA LYS B 143 -33.68 -29.72 -5.91
C LYS B 143 -32.45 -29.03 -6.47
N SER B 144 -31.50 -28.63 -5.63
CA SER B 144 -30.18 -28.29 -6.16
C SER B 144 -29.56 -29.49 -6.85
N THR B 145 -29.82 -30.70 -6.34
CA THR B 145 -29.32 -31.95 -6.92
C THR B 145 -30.15 -32.43 -8.10
N SER B 146 -31.23 -31.72 -8.45
CA SER B 146 -31.99 -31.97 -9.67
C SER B 146 -31.57 -31.05 -10.81
N GLY B 147 -30.36 -30.50 -10.75
CA GLY B 147 -29.83 -29.66 -11.80
C GLY B 147 -28.41 -30.04 -12.16
N GLY B 148 -27.69 -29.14 -12.84
CA GLY B 148 -26.32 -29.43 -13.23
C GLY B 148 -25.29 -29.25 -12.14
N THR B 149 -25.61 -28.49 -11.10
CA THR B 149 -24.66 -28.24 -10.02
C THR B 149 -25.28 -28.65 -8.68
N ALA B 150 -24.63 -28.29 -7.57
CA ALA B 150 -25.20 -28.59 -6.27
C ALA B 150 -24.57 -27.69 -5.20
N ALA B 151 -25.32 -27.44 -4.13
CA ALA B 151 -24.94 -26.49 -3.10
C ALA B 151 -24.76 -27.20 -1.76
N LEU B 152 -23.73 -26.81 -1.02
CA LEU B 152 -23.31 -27.50 0.19
C LEU B 152 -22.59 -26.50 1.07
N GLY B 153 -22.49 -26.80 2.36
CA GLY B 153 -21.75 -25.89 3.20
C GLY B 153 -21.76 -26.25 4.67
N CYS B 154 -21.07 -25.41 5.44
CA CYS B 154 -20.91 -25.50 6.88
C CYS B 154 -21.50 -24.24 7.50
N LEU B 155 -21.96 -24.34 8.75
CA LEU B 155 -22.55 -23.20 9.45
C LEU B 155 -21.89 -23.08 10.82
N VAL B 156 -20.90 -22.21 10.93
CA VAL B 156 -20.19 -22.00 12.19
C VAL B 156 -21.03 -21.04 13.03
N LYS B 157 -21.35 -21.46 14.26
CA LYS B 157 -22.36 -20.79 15.08
C LYS B 157 -21.86 -20.48 16.48
N ASP B 158 -22.34 -19.37 17.02
CA ASP B 158 -22.27 -19.05 18.46
C ASP B 158 -20.87 -19.24 19.04
N TYR B 159 -19.91 -18.56 18.42
CA TYR B 159 -18.53 -18.52 18.90
C TYR B 159 -18.17 -17.09 19.26
N PHE B 160 -17.03 -16.92 19.92
CA PHE B 160 -16.53 -15.59 20.19
C PHE B 160 -15.08 -15.71 20.69
N PRO B 161 -14.16 -14.85 20.24
CA PRO B 161 -14.37 -13.82 19.23
C PRO B 161 -13.95 -14.24 17.83
N GLU B 162 -14.08 -13.32 16.87
CA GLU B 162 -13.54 -13.54 15.55
C GLU B 162 -12.04 -13.82 15.66
N PRO B 163 -11.43 -14.51 14.69
CA PRO B 163 -11.90 -15.15 13.45
C PRO B 163 -12.04 -16.67 13.55
N VAL B 164 -12.26 -17.31 12.40
CA VAL B 164 -12.30 -18.77 12.28
C VAL B 164 -11.50 -19.19 11.05
N THR B 165 -10.50 -20.04 11.26
CA THR B 165 -9.87 -20.71 10.12
C THR B 165 -10.85 -21.71 9.54
N VAL B 166 -11.09 -21.63 8.23
CA VAL B 166 -12.16 -22.39 7.60
C VAL B 166 -11.65 -22.95 6.27
N SER B 167 -11.63 -24.27 6.16
CA SER B 167 -11.17 -24.96 4.96
C SER B 167 -12.09 -26.15 4.71
N TRP B 168 -12.16 -26.58 3.44
CA TRP B 168 -12.97 -27.72 3.05
C TRP B 168 -12.09 -28.88 2.62
N ASN B 169 -12.42 -30.07 3.13
CA ASN B 169 -11.73 -31.32 2.79
C ASN B 169 -10.26 -31.26 3.21
N SER B 170 -10.02 -30.78 4.44
CA SER B 170 -8.69 -30.64 5.02
C SER B 170 -7.84 -29.61 4.29
N GLY B 171 -8.48 -28.56 3.78
CA GLY B 171 -7.76 -27.58 2.97
C GLY B 171 -7.46 -28.06 1.57
N ALA B 172 -8.41 -28.77 0.96
CA ALA B 172 -8.28 -29.21 -0.43
C ALA B 172 -9.13 -28.40 -1.37
N LEU B 173 -10.41 -28.20 -1.05
CA LEU B 173 -11.33 -27.46 -1.89
C LEU B 173 -11.31 -25.99 -1.48
N THR B 174 -10.38 -25.24 -2.06
CA THR B 174 -10.46 -23.77 -2.06
C THR B 174 -10.78 -23.24 -3.46
N SER B 175 -11.06 -24.13 -4.40
CA SER B 175 -11.65 -23.77 -5.68
C SER B 175 -13.12 -24.12 -5.68
N GLY B 176 -13.92 -23.31 -6.37
CA GLY B 176 -15.36 -23.53 -6.37
C GLY B 176 -16.00 -23.33 -5.02
N VAL B 177 -15.54 -22.33 -4.26
CA VAL B 177 -16.02 -22.04 -2.92
C VAL B 177 -15.98 -20.54 -2.70
N HIS B 178 -16.54 -20.11 -1.58
CA HIS B 178 -16.11 -18.94 -0.82
C HIS B 178 -16.98 -18.86 0.43
N THR B 179 -16.44 -18.18 1.44
CA THR B 179 -17.03 -18.12 2.77
C THR B 179 -17.76 -16.80 2.95
N PHE B 180 -18.51 -16.71 4.04
CA PHE B 180 -19.36 -15.56 4.27
C PHE B 180 -18.94 -14.83 5.53
N PRO B 181 -18.72 -13.51 5.47
CA PRO B 181 -18.14 -12.77 6.60
C PRO B 181 -18.98 -12.85 7.86
N ALA B 182 -18.35 -12.47 8.96
CA ALA B 182 -18.95 -12.60 10.29
C ALA B 182 -20.15 -11.69 10.45
N VAL B 183 -21.16 -12.18 11.18
CA VAL B 183 -22.29 -11.38 11.61
C VAL B 183 -22.37 -11.47 13.13
N LEU B 184 -22.44 -10.31 13.79
CA LEU B 184 -22.61 -10.27 15.22
C LEU B 184 -24.08 -10.50 15.55
N GLN B 185 -24.37 -11.58 16.28
CA GLN B 185 -25.73 -11.82 16.68
C GLN B 185 -26.15 -10.86 17.78
N SER B 186 -27.46 -10.85 18.07
CA SER B 186 -27.96 -10.08 19.19
C SER B 186 -27.27 -10.44 20.50
N SER B 187 -26.82 -11.69 20.63
CA SER B 187 -26.28 -12.21 21.88
C SER B 187 -24.82 -11.84 22.12
N GLY B 188 -24.21 -11.03 21.25
CA GLY B 188 -22.78 -10.86 21.29
C GLY B 188 -22.00 -12.00 20.69
N LEU B 189 -22.67 -13.09 20.32
CA LEU B 189 -22.08 -14.22 19.64
C LEU B 189 -21.84 -13.90 18.17
N TYR B 190 -21.02 -14.74 17.54
CA TYR B 190 -20.74 -14.63 16.11
C TYR B 190 -21.19 -15.91 15.43
N SER B 191 -21.36 -15.81 14.11
CA SER B 191 -21.73 -16.96 13.29
C SER B 191 -21.54 -16.58 11.84
N LEU B 192 -21.38 -17.60 11.00
CA LEU B 192 -21.23 -17.45 9.55
C LEU B 192 -21.30 -18.82 8.91
N SER B 193 -21.18 -18.84 7.58
CA SER B 193 -21.30 -20.06 6.82
C SER B 193 -20.33 -20.04 5.64
N SER B 194 -19.84 -21.21 5.28
CA SER B 194 -19.03 -21.43 4.09
C SER B 194 -19.77 -22.38 3.17
N VAL B 195 -19.60 -22.20 1.85
CA VAL B 195 -20.36 -22.95 0.87
C VAL B 195 -19.45 -23.30 -0.31
N VAL B 196 -20.01 -24.05 -1.25
CA VAL B 196 -19.20 -24.70 -2.29
C VAL B 196 -20.06 -25.02 -3.51
N THR B 197 -19.49 -24.78 -4.69
CA THR B 197 -19.97 -25.39 -5.93
C THR B 197 -19.39 -26.79 -6.06
N VAL B 198 -20.25 -27.77 -6.33
CA VAL B 198 -19.82 -29.17 -6.44
C VAL B 198 -20.48 -29.81 -7.66
N PRO B 199 -19.93 -30.93 -8.11
CA PRO B 199 -20.66 -31.76 -9.09
C PRO B 199 -21.87 -32.40 -8.44
N SER B 200 -23.02 -32.29 -9.12
CA SER B 200 -24.28 -32.74 -8.55
C SER B 200 -24.20 -34.21 -8.14
N SER B 201 -23.95 -35.09 -9.11
CA SER B 201 -23.73 -36.50 -8.80
C SER B 201 -22.24 -36.74 -8.58
N SER B 202 -21.76 -36.25 -7.44
CA SER B 202 -20.48 -36.64 -6.88
C SER B 202 -20.60 -36.97 -5.40
N LEU B 203 -21.76 -36.75 -4.79
CA LEU B 203 -22.00 -36.96 -3.37
C LEU B 203 -22.12 -38.44 -3.02
N GLY B 204 -22.26 -39.31 -4.02
CA GLY B 204 -22.31 -40.74 -3.79
C GLY B 204 -20.95 -41.41 -3.78
N THR B 205 -19.89 -40.67 -4.00
CA THR B 205 -18.52 -41.13 -3.81
C THR B 205 -17.71 -40.19 -2.93
N GLN B 206 -17.93 -38.89 -3.06
CA GLN B 206 -17.19 -37.88 -2.32
C GLN B 206 -17.84 -37.65 -0.96
N THR B 207 -17.02 -37.51 0.07
CA THR B 207 -17.49 -37.29 1.43
C THR B 207 -16.78 -36.05 1.96
N TYR B 208 -17.43 -34.89 1.81
CA TYR B 208 -16.84 -33.60 2.10
C TYR B 208 -16.98 -33.27 3.58
N ILE B 209 -16.04 -32.47 4.10
CA ILE B 209 -15.94 -32.18 5.52
C ILE B 209 -15.39 -30.78 5.74
N CYS B 210 -15.74 -30.18 6.88
CA CYS B 210 -15.26 -28.85 7.26
C CYS B 210 -13.93 -28.98 8.00
N ASN B 211 -12.87 -28.44 7.41
CA ASN B 211 -11.60 -28.23 8.13
C ASN B 211 -11.65 -26.83 8.72
N VAL B 212 -12.07 -26.73 9.99
CA VAL B 212 -12.19 -25.45 10.67
C VAL B 212 -11.48 -25.52 12.02
N ASN B 213 -11.22 -24.34 12.58
CA ASN B 213 -10.70 -24.22 13.94
C ASN B 213 -10.96 -22.81 14.46
N HIS B 214 -11.13 -22.72 15.77
CA HIS B 214 -11.27 -21.44 16.46
C HIS B 214 -10.07 -21.29 17.39
N LYS B 215 -9.17 -20.36 17.06
CA LYS B 215 -7.90 -20.29 17.78
C LYS B 215 -8.05 -19.89 19.23
N PRO B 216 -8.75 -18.81 19.59
CA PRO B 216 -8.80 -18.39 21.00
C PRO B 216 -9.63 -19.26 21.92
N SER B 217 -10.18 -20.38 21.43
CA SER B 217 -10.83 -21.35 22.30
C SER B 217 -10.32 -22.76 22.03
N ASN B 218 -9.13 -22.85 21.44
CA ASN B 218 -8.46 -24.12 21.15
C ASN B 218 -9.40 -25.15 20.56
N THR B 219 -10.24 -24.73 19.62
CA THR B 219 -11.30 -25.57 19.09
C THR B 219 -11.00 -25.95 17.65
N LYS B 220 -11.15 -27.23 17.34
CA LYS B 220 -11.07 -27.73 15.97
C LYS B 220 -12.10 -28.84 15.81
N VAL B 221 -12.99 -28.69 14.82
CA VAL B 221 -14.07 -29.63 14.56
C VAL B 221 -14.10 -29.96 13.07
N ASP B 222 -14.70 -31.11 12.76
CA ASP B 222 -14.69 -31.69 11.42
C ASP B 222 -16.09 -32.23 11.12
N LYS B 223 -16.85 -31.50 10.30
CA LYS B 223 -18.24 -31.86 9.99
C LYS B 223 -18.34 -32.42 8.59
N LYS B 224 -18.45 -33.75 8.48
CA LYS B 224 -18.82 -34.35 7.21
C LYS B 224 -20.28 -34.00 6.89
N VAL B 225 -20.55 -33.73 5.62
CA VAL B 225 -21.87 -33.32 5.17
C VAL B 225 -22.46 -34.45 4.33
N GLU B 226 -23.59 -35.01 4.80
CA GLU B 226 -24.30 -36.07 4.11
C GLU B 226 -25.47 -35.49 3.31
N PRO B 227 -25.84 -36.13 2.19
CA PRO B 227 -26.96 -35.63 1.35
C PRO B 227 -28.35 -36.16 1.74
N LYS B 228 -28.95 -35.54 2.74
CA LYS B 228 -30.34 -35.88 3.07
C LYS B 228 -31.25 -35.53 1.90
N SER B 229 -31.91 -36.54 1.35
CA SER B 229 -32.83 -36.36 0.22
C SER B 229 -34.22 -36.91 0.48
N CYS B 230 -34.33 -38.01 1.22
CA CYS B 230 -35.63 -38.57 1.61
C CYS B 230 -35.60 -38.99 3.07
N ASP C 1 1.01 13.85 13.21
CA ASP C 1 -0.34 14.36 13.37
C ASP C 1 -1.02 14.63 12.02
N ILE C 2 -0.20 14.86 11.01
CA ILE C 2 -0.68 15.22 9.67
C ILE C 2 -1.67 14.19 9.16
N GLN C 3 -2.79 14.67 8.62
CA GLN C 3 -3.82 13.81 8.06
C GLN C 3 -3.79 13.85 6.55
N MET C 4 -4.09 12.71 5.94
CA MET C 4 -4.22 12.57 4.49
C MET C 4 -5.69 12.47 4.15
N THR C 5 -6.18 13.45 3.39
CA THR C 5 -7.57 13.48 2.93
C THR C 5 -7.61 12.94 1.50
N GLN C 6 -8.12 11.71 1.35
CA GLN C 6 -8.08 10.98 0.10
C GLN C 6 -9.49 10.84 -0.45
N SER C 7 -9.68 11.24 -1.71
CA SER C 7 -11.00 11.35 -2.30
C SER C 7 -10.97 10.76 -3.71
N PRO C 8 -12.12 10.25 -4.20
CA PRO C 8 -13.44 10.20 -3.56
C PRO C 8 -13.55 9.26 -2.36
N SER C 9 -14.68 9.33 -1.65
CA SER C 9 -14.91 8.40 -0.55
C SER C 9 -15.03 6.97 -1.06
N SER C 10 -15.86 6.76 -2.09
CA SER C 10 -16.04 5.44 -2.69
C SER C 10 -16.16 5.61 -4.20
N LEU C 11 -16.34 4.49 -4.90
CA LEU C 11 -16.35 4.51 -6.35
C LEU C 11 -17.01 3.26 -6.90
N SER C 12 -18.04 3.43 -7.72
CA SER C 12 -18.78 2.33 -8.31
C SER C 12 -18.51 2.21 -9.81
N ALA C 13 -17.25 2.38 -10.21
CA ALA C 13 -16.84 2.31 -11.61
C ALA C 13 -17.13 0.95 -12.21
N SER C 14 -16.80 0.76 -13.50
CA SER C 14 -17.00 -0.52 -14.17
C SER C 14 -15.77 -0.96 -14.94
N ILE C 15 -15.91 -1.99 -15.77
CA ILE C 15 -14.76 -2.55 -16.49
C ILE C 15 -14.18 -1.51 -17.43
N GLY C 16 -12.85 -1.51 -17.54
CA GLY C 16 -12.16 -0.70 -18.51
C GLY C 16 -12.07 0.78 -18.18
N ASP C 17 -12.79 1.25 -17.16
CA ASP C 17 -12.77 2.67 -16.81
C ASP C 17 -11.35 3.15 -16.55
N ARG C 18 -11.13 4.45 -16.76
CA ARG C 18 -9.90 5.12 -16.35
C ARG C 18 -10.29 6.06 -15.22
N VAL C 19 -10.36 5.51 -14.00
CA VAL C 19 -10.80 6.25 -12.84
C VAL C 19 -9.59 6.64 -12.01
N THR C 20 -9.76 7.68 -11.20
CA THR C 20 -8.63 8.33 -10.54
C THR C 20 -8.99 8.70 -9.11
N ILE C 21 -8.12 8.38 -8.17
CA ILE C 21 -8.28 8.72 -6.77
C ILE C 21 -7.20 9.72 -6.38
N THR C 22 -7.55 10.64 -5.48
CA THR C 22 -6.69 11.76 -5.13
C THR C 22 -6.46 11.79 -3.62
N CYS C 23 -5.41 12.49 -3.21
CA CYS C 23 -4.97 12.53 -1.82
C CYS C 23 -4.45 13.92 -1.48
N ARG C 24 -5.13 14.62 -0.56
CA ARG C 24 -4.69 15.93 -0.12
C ARG C 24 -3.91 15.82 1.18
N ALA C 25 -2.89 16.67 1.34
CA ALA C 25 -1.98 16.63 2.48
C ALA C 25 -2.18 17.83 3.38
N SER C 26 -1.92 17.63 4.67
CA SER C 26 -1.97 18.73 5.62
C SER C 26 -0.77 19.67 5.48
N GLN C 27 0.34 19.20 4.89
CA GLN C 27 1.54 19.99 4.72
C GLN C 27 2.24 19.56 3.43
N THR C 28 3.39 20.18 3.14
CA THR C 28 4.18 19.82 1.97
C THR C 28 5.01 18.58 2.31
N ILE C 29 4.69 17.45 1.68
CA ILE C 29 5.15 16.11 2.05
C ILE C 29 5.83 15.42 0.87
N SER C 30 6.78 16.12 0.22
CA SER C 30 6.89 16.26 -1.23
C SER C 30 6.61 15.02 -2.06
N ASP C 31 7.36 13.93 -1.84
CA ASP C 31 7.11 12.71 -2.60
C ASP C 31 6.90 11.49 -1.72
N TYR C 32 7.19 11.57 -0.43
CA TYR C 32 7.23 10.41 0.43
C TYR C 32 5.78 10.00 0.74
N LEU C 33 5.14 9.44 -0.28
CA LEU C 33 3.76 8.98 -0.19
C LEU C 33 3.66 7.58 -0.75
N ASN C 34 2.65 6.86 -0.28
CA ASN C 34 2.45 5.46 -0.65
C ASN C 34 0.97 5.19 -0.83
N TRP C 35 0.66 4.33 -1.80
CA TRP C 35 -0.68 3.81 -2.01
C TRP C 35 -0.65 2.31 -1.75
N TYR C 36 -1.69 1.79 -1.11
CA TYR C 36 -1.78 0.37 -0.83
C TYR C 36 -3.18 -0.12 -1.22
N GLN C 37 -3.21 -1.23 -1.99
CA GLN C 37 -4.45 -1.84 -2.44
C GLN C 37 -4.77 -3.00 -1.50
N GLN C 38 -5.85 -2.85 -0.74
CA GLN C 38 -6.24 -3.82 0.27
C GLN C 38 -7.33 -4.72 -0.31
N LYS C 39 -6.92 -5.86 -0.86
CA LYS C 39 -7.87 -6.90 -1.20
C LYS C 39 -8.54 -7.36 0.08
N PRO C 40 -9.86 -7.18 0.23
CA PRO C 40 -10.44 -7.12 1.57
C PRO C 40 -10.39 -8.45 2.31
N GLY C 41 -10.46 -8.35 3.63
CA GLY C 41 -10.26 -9.48 4.51
C GLY C 41 -8.81 -9.89 4.70
N LYS C 42 -7.95 -9.57 3.74
CA LYS C 42 -6.53 -9.86 3.82
C LYS C 42 -5.78 -8.58 4.21
N ALA C 43 -4.46 -8.71 4.34
CA ALA C 43 -3.64 -7.57 4.73
C ALA C 43 -3.38 -6.66 3.52
N PRO C 44 -3.10 -5.38 3.76
CA PRO C 44 -2.87 -4.45 2.65
C PRO C 44 -1.67 -4.87 1.80
N ASN C 45 -1.86 -4.85 0.48
CA ASN C 45 -0.80 -5.14 -0.47
C ASN C 45 -0.27 -3.83 -1.06
N LEU C 46 1.05 -3.67 -1.10
CA LEU C 46 1.66 -2.43 -1.56
C LEU C 46 1.28 -2.10 -2.99
N LEU C 47 1.18 -0.80 -3.29
CA LEU C 47 1.04 -0.35 -4.67
C LEU C 47 2.24 0.46 -5.16
N ILE C 48 2.57 1.58 -4.52
CA ILE C 48 3.43 2.60 -5.12
C ILE C 48 4.26 3.27 -4.04
N TYR C 49 5.46 3.71 -4.41
CA TYR C 49 6.22 4.66 -3.61
C TYR C 49 6.75 5.76 -4.51
N ALA C 50 7.11 6.88 -3.87
CA ALA C 50 7.41 8.15 -4.54
C ALA C 50 6.18 8.67 -5.27
N ALA C 51 5.05 7.96 -5.12
CA ALA C 51 3.77 8.24 -5.78
C ALA C 51 3.87 8.02 -7.28
N SER C 52 5.06 7.64 -7.76
CA SER C 52 5.35 7.66 -9.18
C SER C 52 6.15 6.46 -9.68
N THR C 53 6.48 5.50 -8.83
CA THR C 53 7.19 4.31 -9.28
C THR C 53 6.41 3.08 -8.86
N LEU C 54 6.39 2.08 -9.74
CA LEU C 54 5.79 0.80 -9.41
C LEU C 54 6.59 0.10 -8.32
N GLN C 55 6.14 -1.10 -7.97
CA GLN C 55 6.98 -2.16 -7.44
C GLN C 55 6.80 -3.37 -8.35
N SER C 56 7.92 -4.00 -8.72
CA SER C 56 7.85 -5.08 -9.70
C SER C 56 6.87 -6.15 -9.24
N GLY C 57 6.21 -6.78 -10.20
CA GLY C 57 5.10 -7.68 -9.92
C GLY C 57 3.75 -6.98 -9.91
N VAL C 58 3.71 -5.71 -9.50
CA VAL C 58 2.48 -4.93 -9.56
C VAL C 58 2.24 -4.50 -11.02
N PRO C 59 1.05 -4.71 -11.56
CA PRO C 59 0.82 -4.41 -12.98
C PRO C 59 0.95 -2.92 -13.29
N SER C 60 1.24 -2.64 -14.56
CA SER C 60 1.68 -1.32 -14.99
C SER C 60 0.54 -0.33 -15.20
N ARG C 61 -0.70 -0.80 -15.34
CA ARG C 61 -1.81 0.12 -15.53
C ARG C 61 -1.98 1.10 -14.38
N PHE C 62 -1.32 0.87 -13.26
CA PHE C 62 -1.35 1.78 -12.12
C PHE C 62 -0.27 2.84 -12.26
N SER C 63 -0.54 4.03 -11.70
CA SER C 63 0.49 5.04 -11.47
C SER C 63 -0.06 6.23 -10.69
N GLY C 64 0.80 7.21 -10.43
CA GLY C 64 0.34 8.42 -9.80
C GLY C 64 1.27 9.57 -10.10
N SER C 65 0.91 10.73 -9.57
CA SER C 65 1.75 11.92 -9.71
C SER C 65 1.46 12.84 -8.53
N GLY C 66 2.02 14.03 -8.57
CA GLY C 66 1.91 15.00 -7.50
C GLY C 66 3.25 15.17 -6.79
N SER C 67 3.54 16.41 -6.40
CA SER C 67 4.82 16.73 -5.79
C SER C 67 4.62 17.69 -4.61
N GLY C 68 3.65 17.41 -3.74
CA GLY C 68 3.20 18.47 -2.85
C GLY C 68 2.13 18.08 -1.85
N THR C 69 1.03 18.83 -1.85
CA THR C 69 -0.13 18.52 -1.03
C THR C 69 -1.19 17.74 -1.79
N ASP C 70 -0.98 17.44 -3.08
CA ASP C 70 -2.02 16.86 -3.91
C ASP C 70 -1.42 15.83 -4.86
N PHE C 71 -1.96 14.61 -4.83
CA PHE C 71 -1.40 13.48 -5.56
C PHE C 71 -2.51 12.68 -6.24
N THR C 72 -2.11 11.87 -7.22
CA THR C 72 -3.04 11.13 -8.04
C THR C 72 -2.79 9.62 -7.93
N LEU C 73 -3.79 8.84 -8.35
CA LEU C 73 -3.65 7.40 -8.54
C LEU C 73 -4.27 7.05 -9.89
N THR C 74 -3.42 6.76 -10.86
CA THR C 74 -3.86 6.53 -12.24
C THR C 74 -4.06 5.03 -12.46
N ILE C 75 -5.30 4.63 -12.70
CA ILE C 75 -5.61 3.27 -13.13
C ILE C 75 -6.22 3.37 -14.53
N SER C 76 -5.56 2.75 -15.51
CA SER C 76 -5.93 2.95 -16.91
C SER C 76 -7.11 2.08 -17.32
N SER C 77 -7.02 0.76 -17.11
CA SER C 77 -8.05 -0.16 -17.54
C SER C 77 -8.38 -1.09 -16.39
N LEU C 78 -9.61 -1.01 -15.88
CA LEU C 78 -10.02 -1.82 -14.75
C LEU C 78 -10.36 -3.23 -15.18
N GLN C 79 -9.91 -4.21 -14.40
CA GLN C 79 -10.37 -5.58 -14.41
C GLN C 79 -11.03 -5.88 -13.06
N PRO C 80 -11.77 -6.99 -12.95
CA PRO C 80 -12.36 -7.31 -11.63
C PRO C 80 -11.32 -7.57 -10.57
N GLU C 81 -10.06 -7.74 -10.95
CA GLU C 81 -8.96 -8.00 -10.05
C GLU C 81 -8.39 -6.74 -9.42
N ASP C 82 -9.03 -5.59 -9.64
CA ASP C 82 -8.70 -4.36 -8.95
C ASP C 82 -9.67 -4.05 -7.81
N PHE C 83 -10.67 -4.90 -7.62
CA PHE C 83 -11.66 -4.71 -6.57
C PHE C 83 -11.00 -4.74 -5.20
N ALA C 84 -10.97 -3.61 -4.52
CA ALA C 84 -10.27 -3.50 -3.23
C ALA C 84 -10.68 -2.17 -2.60
N THR C 85 -10.01 -1.83 -1.50
CA THR C 85 -10.09 -0.51 -0.89
C THR C 85 -8.70 0.08 -0.90
N TYR C 86 -8.55 1.24 -1.52
CA TYR C 86 -7.25 1.82 -1.83
C TYR C 86 -6.93 2.91 -0.82
N TYR C 87 -5.72 2.87 -0.26
CA TYR C 87 -5.33 3.71 0.85
C TYR C 87 -4.16 4.63 0.48
N CYS C 88 -3.94 5.60 1.36
CA CYS C 88 -2.92 6.63 1.22
C CYS C 88 -2.10 6.68 2.49
N GLN C 89 -0.80 7.00 2.38
CA GLN C 89 0.05 7.11 3.55
C GLN C 89 1.27 7.95 3.18
N GLN C 90 1.68 8.82 4.11
CA GLN C 90 2.84 9.69 3.91
C GLN C 90 4.02 9.11 4.68
N SER C 91 5.10 8.82 3.95
CA SER C 91 6.33 8.35 4.59
C SER C 91 7.19 9.49 5.10
N TYR C 92 6.88 10.73 4.72
CA TYR C 92 7.77 11.85 5.00
C TYR C 92 7.90 12.10 6.50
N ILE C 93 6.77 12.10 7.21
CA ILE C 93 6.75 12.45 8.62
C ILE C 93 6.35 11.21 9.41
N THR C 94 6.81 11.16 10.67
CA THR C 94 6.32 10.18 11.63
C THR C 94 5.55 10.90 12.72
N PRO C 95 4.29 10.52 13.01
CA PRO C 95 3.45 9.40 12.56
C PRO C 95 3.19 9.33 11.05
N ARG C 96 3.23 8.11 10.52
CA ARG C 96 2.86 7.84 9.14
C ARG C 96 1.39 7.45 9.08
N THR C 97 0.53 8.45 9.29
CA THR C 97 -0.91 8.25 9.29
C THR C 97 -1.41 7.89 7.89
N PHE C 98 -2.71 7.67 7.73
CA PHE C 98 -3.23 7.20 6.45
C PHE C 98 -4.37 8.10 5.99
N GLY C 99 -4.90 7.77 4.81
CA GLY C 99 -6.12 8.37 4.34
C GLY C 99 -7.34 7.63 4.86
N GLN C 100 -8.52 8.13 4.50
CA GLN C 100 -9.74 7.46 4.91
C GLN C 100 -9.88 6.11 4.23
N GLY C 101 -9.41 5.98 3.01
CA GLY C 101 -9.65 4.78 2.25
C GLY C 101 -10.74 4.97 1.22
N THR C 102 -10.59 4.31 0.08
CA THR C 102 -11.52 4.45 -1.03
C THR C 102 -11.75 3.08 -1.65
N LYS C 103 -13.01 2.71 -1.79
CA LYS C 103 -13.40 1.41 -2.34
C LYS C 103 -13.77 1.57 -3.81
N VAL C 104 -13.62 0.48 -4.56
CA VAL C 104 -13.90 0.49 -6.00
C VAL C 104 -14.77 -0.71 -6.37
N GLU C 105 -15.74 -0.47 -7.26
CA GLU C 105 -16.59 -1.47 -7.87
C GLU C 105 -16.32 -1.55 -9.37
N ILE C 106 -17.04 -2.46 -10.04
CA ILE C 106 -16.93 -2.80 -11.45
C ILE C 106 -18.29 -3.10 -12.08
N LYS C 107 -18.31 -3.84 -13.20
CA LYS C 107 -19.49 -4.47 -13.80
C LYS C 107 -20.46 -3.63 -14.64
N ARG C 108 -20.08 -3.42 -15.91
CA ARG C 108 -20.99 -3.05 -16.99
C ARG C 108 -22.40 -3.64 -16.90
N THR C 109 -22.52 -4.95 -16.60
CA THR C 109 -23.77 -5.67 -16.81
C THR C 109 -24.35 -6.22 -15.50
N VAL C 110 -25.67 -6.45 -15.50
CA VAL C 110 -26.41 -6.97 -14.35
C VAL C 110 -26.51 -8.49 -14.47
N ALA C 111 -26.51 -9.17 -13.31
CA ALA C 111 -26.73 -10.60 -13.25
C ALA C 111 -27.70 -10.91 -12.10
N ALA C 112 -28.51 -11.96 -12.30
CA ALA C 112 -29.56 -12.36 -11.37
C ALA C 112 -29.08 -13.46 -10.43
N PRO C 113 -29.67 -13.58 -9.25
CA PRO C 113 -29.21 -14.57 -8.27
C PRO C 113 -29.89 -15.92 -8.40
N SER C 114 -29.09 -16.97 -8.21
CA SER C 114 -29.59 -18.32 -8.03
C SER C 114 -29.69 -18.60 -6.53
N VAL C 115 -30.91 -18.82 -6.04
CA VAL C 115 -31.19 -18.92 -4.61
C VAL C 115 -31.32 -20.40 -4.21
N PHE C 116 -30.68 -20.76 -3.11
CA PHE C 116 -30.79 -22.07 -2.50
C PHE C 116 -31.18 -21.88 -1.04
N ILE C 117 -31.94 -22.82 -0.50
CA ILE C 117 -32.33 -22.76 0.90
C ILE C 117 -31.80 -23.99 1.62
N PHE C 118 -31.60 -23.85 2.94
CA PHE C 118 -31.00 -24.90 3.73
C PHE C 118 -31.73 -25.02 5.07
N PRO C 119 -32.41 -26.13 5.31
CA PRO C 119 -33.16 -26.29 6.57
C PRO C 119 -32.22 -26.54 7.74
N PRO C 120 -32.74 -26.48 8.97
CA PRO C 120 -31.90 -26.82 10.12
C PRO C 120 -31.43 -28.26 10.05
N SER C 121 -30.21 -28.50 10.52
CA SER C 121 -29.71 -29.86 10.62
C SER C 121 -30.25 -30.54 11.86
N ASP C 122 -30.41 -31.86 11.78
CA ASP C 122 -30.80 -32.65 12.94
C ASP C 122 -29.90 -32.34 14.12
N GLU C 123 -28.61 -32.17 13.85
CA GLU C 123 -27.64 -31.81 14.87
C GLU C 123 -28.09 -30.59 15.68
N GLN C 124 -28.52 -29.52 15.00
CA GLN C 124 -28.86 -28.29 15.71
C GLN C 124 -30.24 -28.38 16.35
N LEU C 125 -31.19 -29.06 15.71
CA LEU C 125 -32.50 -29.23 16.31
C LEU C 125 -32.40 -29.98 17.64
N LYS C 126 -31.48 -30.95 17.73
CA LYS C 126 -31.21 -31.59 19.00
C LYS C 126 -30.58 -30.62 20.00
N SER C 127 -29.89 -29.60 19.51
CA SER C 127 -29.31 -28.57 20.37
C SER C 127 -30.33 -27.59 20.91
N GLY C 128 -31.60 -27.71 20.51
CA GLY C 128 -32.65 -26.86 21.03
C GLY C 128 -32.92 -25.58 20.26
N THR C 129 -32.16 -25.31 19.20
CA THR C 129 -32.39 -24.13 18.37
C THR C 129 -32.47 -24.57 16.91
N ALA C 130 -33.02 -23.70 16.08
CA ALA C 130 -33.20 -24.00 14.67
C ALA C 130 -32.87 -22.76 13.85
N SER C 131 -32.04 -22.94 12.81
CA SER C 131 -31.64 -21.86 11.94
C SER C 131 -31.84 -22.28 10.48
N VAL C 132 -32.50 -21.42 9.70
CA VAL C 132 -32.71 -21.64 8.29
C VAL C 132 -31.86 -20.65 7.50
N VAL C 133 -31.26 -21.12 6.41
CA VAL C 133 -30.29 -20.35 5.65
C VAL C 133 -30.80 -20.20 4.22
N CYS C 134 -30.73 -18.98 3.70
CA CYS C 134 -31.11 -18.66 2.32
C CYS C 134 -29.91 -18.00 1.65
N LEU C 135 -29.38 -18.64 0.62
CA LEU C 135 -28.17 -18.19 -0.06
C LEU C 135 -28.51 -17.68 -1.46
N LEU C 136 -27.97 -16.51 -1.80
CA LEU C 136 -28.06 -15.95 -3.15
C LEU C 136 -26.67 -16.04 -3.77
N ASN C 137 -26.58 -16.65 -4.94
CA ASN C 137 -25.29 -16.93 -5.57
C ASN C 137 -25.22 -16.23 -6.93
N ASN C 138 -24.08 -15.59 -7.18
CA ASN C 138 -23.72 -15.04 -8.49
C ASN C 138 -24.71 -13.95 -8.95
N PHE C 139 -24.67 -12.81 -8.26
CA PHE C 139 -25.54 -11.71 -8.65
C PHE C 139 -24.83 -10.36 -8.52
N TYR C 140 -25.13 -9.47 -9.45
CA TYR C 140 -24.80 -8.04 -9.46
C TYR C 140 -26.04 -7.24 -9.82
N PRO C 141 -26.28 -6.08 -9.20
CA PRO C 141 -25.51 -5.47 -8.11
C PRO C 141 -25.69 -6.19 -6.79
N ARG C 142 -25.03 -5.71 -5.73
CA ARG C 142 -25.11 -6.37 -4.43
C ARG C 142 -26.33 -5.94 -3.63
N GLU C 143 -27.06 -4.93 -4.09
CA GLU C 143 -28.22 -4.42 -3.35
C GLU C 143 -29.47 -5.20 -3.76
N ALA C 144 -29.62 -6.37 -3.15
CA ALA C 144 -30.82 -7.19 -3.24
C ALA C 144 -31.35 -7.41 -1.83
N LYS C 145 -32.64 -7.71 -1.74
CA LYS C 145 -33.33 -7.79 -0.45
C LYS C 145 -34.09 -9.09 -0.34
N VAL C 146 -33.84 -9.83 0.73
CA VAL C 146 -34.56 -11.07 1.02
C VAL C 146 -35.56 -10.78 2.13
N GLN C 147 -36.61 -11.60 2.17
CA GLN C 147 -37.67 -11.47 3.16
C GLN C 147 -38.07 -12.87 3.58
N TRP C 148 -38.07 -13.12 4.89
CA TRP C 148 -38.35 -14.44 5.43
C TRP C 148 -39.84 -14.59 5.69
N LYS C 149 -40.46 -15.58 5.07
CA LYS C 149 -41.85 -15.93 5.35
C LYS C 149 -41.88 -17.22 6.16
N VAL C 150 -42.59 -17.19 7.29
CA VAL C 150 -42.74 -18.34 8.17
C VAL C 150 -44.23 -18.61 8.25
N ASP C 151 -44.68 -19.67 7.58
CA ASP C 151 -46.11 -19.92 7.37
C ASP C 151 -46.76 -18.71 6.73
N ASN C 152 -46.16 -18.24 5.64
CA ASN C 152 -46.64 -17.12 4.83
C ASN C 152 -46.68 -15.79 5.59
N ALA C 153 -46.02 -15.72 6.75
CA ALA C 153 -46.00 -14.50 7.55
C ALA C 153 -44.61 -13.89 7.54
N LEU C 154 -44.55 -12.58 7.40
CA LEU C 154 -43.28 -11.88 7.25
C LEU C 154 -42.61 -11.67 8.60
N GLN C 155 -41.28 -11.74 8.59
CA GLN C 155 -40.45 -11.61 9.78
C GLN C 155 -39.77 -10.25 9.84
N SER C 156 -39.34 -9.88 11.05
CA SER C 156 -38.43 -8.78 11.25
C SER C 156 -37.56 -9.10 12.45
N GLY C 157 -36.29 -8.70 12.38
CA GLY C 157 -35.37 -8.86 13.49
C GLY C 157 -35.24 -10.30 13.93
N ASN C 158 -35.61 -11.21 13.03
CA ASN C 158 -35.44 -12.64 13.23
C ASN C 158 -34.36 -13.19 12.32
N SER C 159 -33.58 -12.33 11.70
CA SER C 159 -32.60 -12.75 10.71
C SER C 159 -31.56 -11.65 10.53
N GLN C 160 -30.38 -12.08 10.09
CA GLN C 160 -29.32 -11.19 9.65
C GLN C 160 -28.67 -11.80 8.41
N GLU C 161 -28.03 -10.96 7.60
CA GLU C 161 -27.45 -11.42 6.36
C GLU C 161 -26.05 -10.86 6.19
N SER C 162 -25.25 -11.57 5.41
CA SER C 162 -23.84 -11.23 5.17
C SER C 162 -23.55 -11.33 3.69
N VAL C 163 -23.10 -10.22 3.10
CA VAL C 163 -22.80 -10.17 1.67
C VAL C 163 -21.29 -10.30 1.52
N THR C 164 -20.85 -11.31 0.78
CA THR C 164 -19.44 -11.37 0.43
C THR C 164 -19.08 -10.22 -0.48
N GLU C 165 -17.80 -9.88 -0.48
CA GLU C 165 -17.33 -8.83 -1.36
C GLU C 165 -17.06 -9.41 -2.74
N GLN C 166 -16.96 -8.50 -3.71
CA GLN C 166 -17.04 -8.85 -5.12
C GLN C 166 -16.06 -9.95 -5.50
N ASP C 167 -16.55 -10.93 -6.25
CA ASP C 167 -15.67 -11.92 -6.88
C ASP C 167 -14.76 -11.23 -7.89
N SER C 168 -13.71 -11.93 -8.29
CA SER C 168 -12.67 -11.34 -9.12
C SER C 168 -12.59 -11.90 -10.53
N LYS C 169 -13.42 -12.91 -10.87
CA LYS C 169 -13.47 -13.44 -12.22
C LYS C 169 -14.76 -13.08 -12.95
N ASP C 170 -15.91 -13.35 -12.35
CA ASP C 170 -17.19 -12.99 -12.92
C ASP C 170 -17.80 -11.74 -12.28
N SER C 171 -17.27 -11.32 -11.12
CA SER C 171 -17.54 -10.01 -10.55
C SER C 171 -18.89 -9.93 -9.85
N THR C 172 -19.52 -11.07 -9.56
CA THR C 172 -20.81 -11.09 -8.89
C THR C 172 -20.60 -11.18 -7.37
N TYR C 173 -21.70 -11.15 -6.64
CA TYR C 173 -21.65 -11.23 -5.18
C TYR C 173 -22.38 -12.48 -4.71
N SER C 174 -22.43 -12.66 -3.40
CA SER C 174 -23.15 -13.78 -2.80
C SER C 174 -23.47 -13.43 -1.36
N LEU C 175 -24.76 -13.42 -1.02
CA LEU C 175 -25.18 -13.11 0.34
C LEU C 175 -25.95 -14.29 0.92
N SER C 176 -26.18 -14.24 2.24
CA SER C 176 -26.76 -15.38 2.94
C SER C 176 -27.45 -14.85 4.20
N SER C 177 -28.77 -15.00 4.25
CA SER C 177 -29.56 -14.62 5.41
C SER C 177 -29.88 -15.83 6.27
N THR C 178 -29.84 -15.65 7.59
CA THR C 178 -30.00 -16.74 8.52
C THR C 178 -31.18 -16.45 9.44
N LEU C 179 -32.22 -17.28 9.37
CA LEU C 179 -33.41 -17.14 10.19
C LEU C 179 -33.36 -18.19 11.30
N THR C 180 -33.38 -17.74 12.56
CA THR C 180 -33.16 -18.61 13.70
C THR C 180 -34.28 -18.45 14.71
N LEU C 181 -34.90 -19.57 15.08
CA LEU C 181 -35.79 -19.65 16.24
C LEU C 181 -35.35 -20.83 17.11
N SER C 182 -36.10 -21.05 18.18
CA SER C 182 -35.88 -22.21 19.03
C SER C 182 -36.65 -23.41 18.47
N LYS C 183 -36.22 -24.61 18.89
CA LYS C 183 -36.89 -25.82 18.44
C LYS C 183 -38.39 -25.78 18.76
N ALA C 184 -38.76 -25.17 19.89
CA ALA C 184 -40.16 -25.12 20.26
C ALA C 184 -40.98 -24.34 19.23
N ASP C 185 -40.67 -23.06 19.05
CA ASP C 185 -41.42 -22.23 18.12
C ASP C 185 -40.92 -22.32 16.68
N TYR C 186 -39.93 -23.17 16.39
CA TYR C 186 -39.71 -23.61 15.02
C TYR C 186 -40.64 -24.77 14.68
N GLU C 187 -40.96 -25.60 15.66
CA GLU C 187 -41.96 -26.65 15.52
C GLU C 187 -43.37 -26.10 15.43
N LYS C 188 -43.57 -24.81 15.75
CA LYS C 188 -44.88 -24.17 15.68
C LYS C 188 -45.35 -23.94 14.25
N HIS C 189 -44.47 -24.10 13.26
CA HIS C 189 -44.80 -23.81 11.87
C HIS C 189 -44.31 -24.96 11.00
N LYS C 190 -44.85 -25.03 9.78
CA LYS C 190 -44.50 -26.09 8.86
C LYS C 190 -43.72 -25.63 7.64
N VAL C 191 -44.06 -24.49 7.03
CA VAL C 191 -43.43 -24.04 5.80
C VAL C 191 -42.57 -22.81 6.09
N TYR C 192 -41.38 -22.79 5.50
CA TYR C 192 -40.42 -21.71 5.70
C TYR C 192 -39.92 -21.27 4.33
N ALA C 193 -39.79 -19.95 4.14
CA ALA C 193 -39.46 -19.45 2.81
C ALA C 193 -38.73 -18.12 2.90
N CYS C 194 -37.87 -17.88 1.91
CA CYS C 194 -37.22 -16.60 1.68
C CYS C 194 -37.61 -16.11 0.30
N GLU C 195 -38.24 -14.94 0.24
CA GLU C 195 -38.59 -14.33 -1.04
C GLU C 195 -37.58 -13.24 -1.36
N VAL C 196 -37.10 -13.22 -2.61
CA VAL C 196 -35.98 -12.40 -3.01
C VAL C 196 -36.43 -11.40 -4.07
N THR C 197 -35.98 -10.16 -3.94
CA THR C 197 -36.17 -9.15 -4.96
C THR C 197 -34.82 -8.67 -5.46
N HIS C 198 -34.66 -8.64 -6.78
CA HIS C 198 -33.46 -8.11 -7.40
C HIS C 198 -33.84 -7.32 -8.64
N GLN C 199 -32.94 -6.40 -9.01
CA GLN C 199 -33.02 -5.75 -10.32
C GLN C 199 -33.16 -6.80 -11.42
N GLY C 200 -32.27 -7.79 -11.44
CA GLY C 200 -32.29 -8.81 -12.47
C GLY C 200 -33.41 -9.81 -12.35
N LEU C 201 -34.07 -9.91 -11.20
CA LEU C 201 -35.18 -10.84 -11.02
C LEU C 201 -36.44 -10.21 -11.61
N SER C 202 -36.90 -10.77 -12.74
CA SER C 202 -38.07 -10.24 -13.42
C SER C 202 -39.24 -10.04 -12.46
N SER C 203 -39.47 -11.02 -11.60
CA SER C 203 -40.43 -10.90 -10.51
C SER C 203 -39.88 -11.66 -9.32
N PRO C 204 -40.23 -11.23 -8.10
CA PRO C 204 -39.72 -11.89 -6.89
C PRO C 204 -39.77 -13.42 -6.94
N VAL C 205 -38.75 -14.05 -6.35
CA VAL C 205 -38.56 -15.50 -6.38
C VAL C 205 -38.41 -16.00 -4.95
N THR C 206 -39.13 -17.07 -4.62
CA THR C 206 -39.13 -17.64 -3.28
C THR C 206 -38.72 -19.11 -3.34
N LYS C 207 -37.84 -19.51 -2.43
CA LYS C 207 -37.51 -20.91 -2.19
C LYS C 207 -38.03 -21.32 -0.82
N SER C 208 -38.66 -22.49 -0.74
CA SER C 208 -39.36 -22.89 0.47
C SER C 208 -39.26 -24.39 0.67
N PHE C 209 -39.66 -24.83 1.86
CA PHE C 209 -39.73 -26.25 2.16
C PHE C 209 -40.75 -26.46 3.26
N ASN C 210 -41.10 -27.72 3.48
CA ASN C 210 -41.93 -28.13 4.61
C ASN C 210 -41.16 -29.17 5.41
N ARG C 211 -41.00 -28.92 6.70
CA ARG C 211 -40.15 -29.78 7.52
C ARG C 211 -40.70 -31.20 7.58
#